data_4J9X
#
_entry.id   4J9X
#
_cell.length_a   74.755
_cell.length_b   90.097
_cell.length_c   103.913
_cell.angle_alpha   90.000
_cell.angle_beta   90.000
_cell.angle_gamma   90.000
#
_symmetry.space_group_name_H-M   'P 21 21 21'
#
loop_
_entity.id
_entity.type
_entity.pdbx_description
1 polymer 'Proline racemase family protein'
2 non-polymer 4-HYDROXYPROLINE
3 non-polymer 'SODIUM ION'
4 water water
#
_entity_poly.entity_id   1
_entity_poly.type   'polypeptide(L)'
_entity_poly.pdbx_seq_one_letter_code
;MHHHHHHSSGVDLGTENLYFQSMKKITVIDSHTGGEPTRLVIDGFPDLGRGSMAERLQILEREHDQWRRACVLEPRGSDV
LVGALLCQPQAGDACAGVIFFNNSGYLGMCGHGTIGLVRSLYHLGRIDQGVHRIETPVGTVEATLHEDLSVSVRNVPAYR
YRTQVMLQLPGHGKVHGDIAWGGNWFFLISDHGQRIALDNVEALTHYTRDVRQALEAAGITGAEGGVIDHIELFADDPQA
DSRNFVLCPGKAYDRSPCGTGTSAKLACLAADGKLAPGQAWRQASVIGSQFSAHYEKVGEQLIPILRGSAHISAEATLLL
DDSDPFVWGIGS
;
_entity_poly.pdbx_strand_id   A,B
#
loop_
_chem_comp.id
_chem_comp.type
_chem_comp.name
_chem_comp.formula
NA non-polymer 'SODIUM ION' 'Na 1'
#
# COMPACT_ATOMS: atom_id res chain seq x y z
N MET A 23 5.99 21.19 -2.53
CA MET A 23 7.14 22.02 -2.91
C MET A 23 7.90 21.40 -4.08
N LYS A 24 8.82 20.48 -3.77
CA LYS A 24 9.55 19.73 -4.81
C LYS A 24 8.60 18.74 -5.47
N LYS A 25 8.75 18.55 -6.77
CA LYS A 25 7.82 17.68 -7.49
C LYS A 25 8.52 16.50 -8.12
N ILE A 26 7.88 15.34 -8.04
CA ILE A 26 8.34 14.16 -8.76
C ILE A 26 7.23 13.71 -9.69
N THR A 27 7.50 13.74 -11.00
CA THR A 27 6.46 13.42 -11.98
C THR A 27 6.55 11.94 -12.34
N VAL A 28 5.44 11.23 -12.22
CA VAL A 28 5.44 9.78 -12.41
C VAL A 28 4.28 9.29 -13.24
N ILE A 29 4.49 8.13 -13.85
CA ILE A 29 3.41 7.36 -14.43
C ILE A 29 3.30 6.06 -13.64
N ASP A 30 2.18 5.87 -12.95
CA ASP A 30 1.96 4.62 -12.22
C ASP A 30 1.25 3.66 -13.16
N SER A 31 1.74 2.42 -13.22
CA SER A 31 1.09 1.36 -14.00
C SER A 31 1.13 0.09 -13.16
N HIS A 32 0.52 -0.98 -13.65
CA HIS A 32 0.71 -2.26 -13.02
C HIS A 32 0.80 -3.33 -14.09
N THR A 33 1.52 -4.37 -13.76
CA THR A 33 1.68 -5.50 -14.68
C THR A 33 1.13 -6.72 -13.98
N GLY A 34 -0.04 -7.18 -14.39
CA GLY A 34 -0.67 -8.30 -13.73
C GLY A 34 -0.90 -8.05 -12.26
N GLY A 35 -1.14 -6.80 -11.89
CA GLY A 35 -1.40 -6.46 -10.49
C GLY A 35 -0.22 -5.91 -9.72
N GLU A 36 0.99 -6.08 -10.24
CA GLU A 36 2.21 -5.60 -9.57
C GLU A 36 2.55 -4.20 -10.07
N PRO A 37 2.59 -3.22 -9.15
CA PRO A 37 2.68 -1.83 -9.59
C PRO A 37 4.10 -1.40 -9.94
N THR A 38 4.18 -0.48 -10.89
CA THR A 38 5.44 0.18 -11.22
C THR A 38 5.20 1.68 -11.16
N ARG A 39 6.04 2.39 -10.42
CA ARG A 39 6.03 3.84 -10.42
C ARG A 39 7.19 4.34 -11.26
N LEU A 40 6.91 4.76 -12.49
CA LEU A 40 7.97 5.24 -13.39
C LEU A 40 8.22 6.72 -13.15
N VAL A 41 9.40 7.06 -12.64
CA VAL A 41 9.75 8.45 -12.42
C VAL A 41 10.26 9.05 -13.72
N ILE A 42 9.54 10.04 -14.25
CA ILE A 42 9.96 10.67 -15.49
C ILE A 42 10.62 12.04 -15.31
N ASP A 43 10.48 12.63 -14.13
CA ASP A 43 11.18 13.88 -13.84
C ASP A 43 11.22 14.12 -12.34
N GLY A 44 12.26 14.83 -11.89
CA GLY A 44 12.27 15.30 -10.52
C GLY A 44 13.30 14.70 -9.57
N PHE A 45 13.93 13.60 -9.97
CA PHE A 45 14.98 12.99 -9.16
C PHE A 45 16.30 13.71 -9.42
N PRO A 46 17.26 13.57 -8.51
CA PRO A 46 18.58 14.19 -8.73
C PRO A 46 19.28 13.69 -9.98
N ASP A 47 20.18 14.51 -10.51
CA ASP A 47 21.04 14.15 -11.65
C ASP A 47 22.03 13.11 -11.18
N LEU A 48 22.17 12.02 -11.94
CA LEU A 48 23.07 10.94 -11.56
C LEU A 48 24.27 10.80 -12.51
N GLY A 49 24.43 11.76 -13.41
CA GLY A 49 25.60 11.77 -14.28
C GLY A 49 25.35 11.03 -15.58
N ARG A 50 26.43 10.68 -16.28
CA ARG A 50 26.34 10.09 -17.61
C ARG A 50 26.97 8.70 -17.73
N GLY A 51 27.16 8.03 -16.60
CA GLY A 51 27.78 6.72 -16.62
C GLY A 51 26.78 5.65 -17.00
N SER A 52 27.17 4.40 -16.80
CA SER A 52 26.28 3.27 -17.05
C SER A 52 25.14 3.29 -16.04
N MET A 53 24.07 2.55 -16.30
CA MET A 53 22.98 2.46 -15.33
C MET A 53 23.51 1.91 -14.00
N ALA A 54 24.48 1.01 -14.07
CA ALA A 54 25.07 0.43 -12.86
C ALA A 54 25.82 1.50 -12.08
N GLU A 55 26.54 2.36 -12.78
CA GLU A 55 27.24 3.46 -12.14
C GLU A 55 26.26 4.47 -11.54
N ARG A 56 25.17 4.75 -12.27
CA ARG A 56 24.17 5.68 -11.76
C ARG A 56 23.44 5.13 -10.55
N LEU A 57 23.25 3.80 -10.50
CA LEU A 57 22.64 3.17 -9.35
C LEU A 57 23.47 3.40 -8.11
N GLN A 58 24.80 3.26 -8.25
CA GLN A 58 25.70 3.46 -7.11
C GLN A 58 25.59 4.86 -6.54
N ILE A 59 25.49 5.84 -7.44
CA ILE A 59 25.37 7.24 -7.05
C ILE A 59 24.01 7.49 -6.42
N LEU A 60 22.96 6.95 -7.05
CA LEU A 60 21.61 7.10 -6.51
C LEU A 60 21.52 6.56 -5.09
N GLU A 61 22.04 5.36 -4.88
CA GLU A 61 22.01 4.77 -3.55
C GLU A 61 22.88 5.52 -2.54
N ARG A 62 24.10 5.86 -2.94
CA ARG A 62 25.03 6.47 -2.00
C ARG A 62 24.60 7.88 -1.60
N GLU A 63 24.16 8.66 -2.58
CA GLU A 63 23.94 10.10 -2.35
C GLU A 63 22.49 10.53 -2.19
N HIS A 64 21.58 9.73 -2.73
CA HIS A 64 20.18 10.15 -2.85
C HIS A 64 19.17 9.07 -2.44
N ASP A 65 19.55 8.18 -1.52
CA ASP A 65 18.64 7.08 -1.16
C ASP A 65 17.35 7.59 -0.50
N GLN A 66 17.38 8.79 0.09
CA GLN A 66 16.18 9.37 0.65
C GLN A 66 15.09 9.57 -0.41
N TRP A 67 15.53 9.81 -1.64
CA TRP A 67 14.61 10.00 -2.76
C TRP A 67 13.91 8.71 -3.13
N ARG A 68 14.64 7.60 -3.12
CA ARG A 68 13.98 6.29 -3.26
C ARG A 68 12.91 6.16 -2.20
N ARG A 69 13.23 6.50 -0.95
CA ARG A 69 12.26 6.33 0.13
C ARG A 69 11.05 7.25 0.01
N ALA A 70 11.26 8.49 -0.42
CA ALA A 70 10.15 9.42 -0.66
C ALA A 70 9.20 8.88 -1.72
N CYS A 71 9.78 8.28 -2.75
CA CYS A 71 9.05 7.86 -3.95
C CYS A 71 8.18 6.62 -3.69
N VAL A 72 8.71 5.65 -2.96
CA VAL A 72 8.02 4.37 -2.86
C VAL A 72 7.56 3.95 -1.45
N LEU A 73 8.10 4.55 -0.39
CA LEU A 73 7.62 4.20 0.95
C LEU A 73 6.33 4.97 1.29
N GLU A 74 5.58 4.47 2.28
CA GLU A 74 4.52 5.27 2.89
C GLU A 74 5.12 6.62 3.31
N PRO A 75 4.32 7.70 3.27
CA PRO A 75 2.91 7.73 2.91
C PRO A 75 2.65 7.96 1.42
N ARG A 76 3.63 8.38 0.64
CA ARG A 76 3.35 8.68 -0.77
C ARG A 76 3.39 7.43 -1.66
N GLY A 77 3.94 6.34 -1.13
CA GLY A 77 3.94 5.05 -1.81
C GLY A 77 3.32 3.95 -0.95
N SER A 78 3.83 2.74 -1.09
CA SER A 78 3.39 1.62 -0.26
C SER A 78 4.46 0.55 -0.31
N ASP A 79 4.45 -0.36 0.66
CA ASP A 79 5.50 -1.39 0.75
C ASP A 79 5.55 -2.27 -0.51
N VAL A 80 4.41 -2.36 -1.19
CA VAL A 80 4.28 -3.20 -2.38
C VAL A 80 4.97 -2.61 -3.60
N LEU A 81 5.15 -1.30 -3.60
CA LEU A 81 5.49 -0.57 -4.82
C LEU A 81 6.92 -0.80 -5.29
N VAL A 82 7.09 -0.96 -6.60
CA VAL A 82 8.43 -0.95 -7.19
C VAL A 82 8.58 0.30 -8.04
N GLY A 83 9.69 1.02 -7.84
CA GLY A 83 9.94 2.23 -8.58
C GLY A 83 10.90 2.00 -9.73
N ALA A 84 10.79 2.84 -10.75
CA ALA A 84 11.65 2.74 -11.93
C ALA A 84 12.01 4.14 -12.32
N LEU A 85 13.31 4.46 -12.24
CA LEU A 85 13.78 5.79 -12.61
C LEU A 85 14.15 5.78 -14.09
N LEU A 86 13.46 6.60 -14.87
CA LEU A 86 13.76 6.70 -16.30
C LEU A 86 15.05 7.48 -16.49
N CYS A 87 15.98 6.94 -17.29
CA CYS A 87 17.27 7.58 -17.51
C CYS A 87 17.58 7.69 -18.99
N GLN A 88 18.36 8.70 -19.37
CA GLN A 88 18.88 8.71 -20.73
C GLN A 88 19.98 7.67 -20.80
N PRO A 89 19.94 6.80 -21.83
CA PRO A 89 20.90 5.69 -21.90
C PRO A 89 22.23 6.17 -22.47
N GLN A 90 23.27 5.37 -22.31
CA GLN A 90 24.57 5.68 -22.90
C GLN A 90 24.59 5.40 -24.39
N ALA A 91 24.06 4.23 -24.78
CA ALA A 91 24.11 3.80 -26.17
C ALA A 91 23.10 4.53 -27.04
N GLY A 92 23.50 4.88 -28.26
CA GLY A 92 22.67 5.67 -29.14
C GLY A 92 21.46 4.93 -29.68
N ASP A 93 21.56 3.60 -29.73
CA ASP A 93 20.46 2.78 -30.26
C ASP A 93 19.48 2.30 -29.18
N ALA A 94 19.68 2.77 -27.95
CA ALA A 94 18.77 2.47 -26.85
C ALA A 94 17.70 3.54 -26.74
N CYS A 95 16.46 3.14 -26.46
CA CYS A 95 15.40 4.14 -26.30
C CYS A 95 15.37 4.68 -24.88
N ALA A 96 15.91 3.93 -23.94
CA ALA A 96 15.83 4.33 -22.53
C ALA A 96 16.80 3.54 -21.66
N GLY A 97 17.11 4.12 -20.51
CA GLY A 97 17.77 3.40 -19.42
C GLY A 97 16.85 3.45 -18.21
N VAL A 98 17.05 2.52 -17.28
CA VAL A 98 16.18 2.42 -16.11
C VAL A 98 16.98 1.89 -14.91
N ILE A 99 16.61 2.36 -13.72
CA ILE A 99 17.08 1.80 -12.45
C ILE A 99 15.82 1.42 -11.67
N PHE A 100 15.75 0.16 -11.21
CA PHE A 100 14.58 -0.31 -10.45
C PHE A 100 14.88 -0.38 -8.95
N PHE A 101 13.88 0.00 -8.14
CA PHE A 101 14.03 -0.03 -6.70
C PHE A 101 12.74 -0.43 -5.98
N ASN A 102 12.85 -0.81 -4.70
CA ASN A 102 11.68 -1.23 -3.92
C ASN A 102 11.76 -0.69 -2.51
N ASN A 103 10.96 -1.23 -1.60
CA ASN A 103 10.89 -0.67 -0.25
C ASN A 103 12.18 -0.85 0.56
N SER A 104 13.04 -1.78 0.13
CA SER A 104 14.24 -2.06 0.92
C SER A 104 15.55 -1.62 0.27
N GLY A 105 15.56 -1.51 -1.05
CA GLY A 105 16.78 -1.18 -1.75
C GLY A 105 16.58 -1.22 -3.25
N TYR A 106 17.55 -1.81 -3.95
CA TYR A 106 17.60 -1.72 -5.39
C TYR A 106 17.53 -3.09 -6.03
N LEU A 107 16.89 -3.15 -7.19
CA LEU A 107 16.80 -4.40 -7.94
C LEU A 107 17.87 -4.42 -9.01
N GLY A 108 17.96 -5.54 -9.71
CA GLY A 108 18.82 -5.65 -10.88
C GLY A 108 17.95 -5.41 -12.10
N MET A 109 17.53 -6.47 -12.77
CA MET A 109 16.46 -6.34 -13.74
C MET A 109 15.10 -6.47 -13.06
N CYS A 110 14.04 -6.15 -13.80
CA CYS A 110 12.69 -6.23 -13.29
C CYS A 110 11.79 -6.46 -14.48
N GLY A 111 11.27 -7.68 -14.62
CA GLY A 111 10.48 -8.01 -15.80
C GLY A 111 9.15 -7.28 -15.81
N HIS A 112 8.48 -7.20 -14.66
CA HIS A 112 7.16 -6.56 -14.62
C HIS A 112 7.32 -5.06 -14.85
N GLY A 113 8.40 -4.51 -14.32
CA GLY A 113 8.69 -3.08 -14.41
C GLY A 113 9.13 -2.66 -15.80
N THR A 114 9.77 -3.56 -16.54
CA THR A 114 10.20 -3.26 -17.89
C THR A 114 8.96 -3.20 -18.79
N ILE A 115 8.06 -4.14 -18.59
CA ILE A 115 6.80 -4.15 -19.31
C ILE A 115 6.03 -2.86 -18.97
N GLY A 116 5.99 -2.51 -17.69
CA GLY A 116 5.41 -1.24 -17.26
C GLY A 116 6.06 -0.02 -17.87
N LEU A 117 7.39 -0.01 -17.90
CA LEU A 117 8.13 1.11 -18.48
C LEU A 117 7.76 1.31 -19.95
N VAL A 118 7.80 0.22 -20.73
CA VAL A 118 7.52 0.32 -22.15
C VAL A 118 6.08 0.78 -22.40
N ARG A 119 5.13 0.24 -21.64
CA ARG A 119 3.73 0.60 -21.84
C ARG A 119 3.52 2.05 -21.42
N SER A 120 4.32 2.52 -20.47
CA SER A 120 4.21 3.90 -20.01
C SER A 120 4.82 4.87 -21.02
N LEU A 121 5.96 4.49 -21.61
CA LEU A 121 6.55 5.31 -22.66
C LEU A 121 5.59 5.49 -23.83
N TYR A 122 4.84 4.43 -24.15
CA TYR A 122 3.85 4.50 -25.22
C TYR A 122 2.70 5.43 -24.87
N HIS A 123 2.26 5.35 -23.61
CA HIS A 123 1.21 6.24 -23.10
C HIS A 123 1.64 7.69 -23.21
N LEU A 124 2.92 7.95 -22.97
CA LEU A 124 3.48 9.30 -23.06
C LEU A 124 3.71 9.75 -24.49
N GLY A 125 3.57 8.84 -25.45
CA GLY A 125 3.76 9.19 -26.85
C GLY A 125 5.22 9.30 -27.22
N ARG A 126 6.09 8.68 -26.43
CA ARG A 126 7.52 8.78 -26.65
C ARG A 126 8.08 7.64 -27.50
N ILE A 127 7.36 6.53 -27.56
CA ILE A 127 7.74 5.44 -28.47
C ILE A 127 6.50 4.92 -29.16
N ASP A 128 6.72 4.20 -30.27
CA ASP A 128 5.64 3.50 -30.95
C ASP A 128 5.83 2.00 -30.81
N GLN A 129 4.91 1.24 -31.39
CA GLN A 129 5.02 -0.20 -31.44
C GLN A 129 6.30 -0.55 -32.14
N GLY A 130 6.93 -1.65 -31.74
CA GLY A 130 8.17 -2.08 -32.36
C GLY A 130 9.19 -2.50 -31.33
N VAL A 131 10.44 -2.62 -31.78
CA VAL A 131 11.50 -3.16 -30.93
C VAL A 131 12.35 -2.06 -30.28
N HIS A 132 12.54 -2.18 -28.96
CA HIS A 132 13.25 -1.15 -28.18
C HIS A 132 14.28 -1.75 -27.23
N ARG A 133 15.47 -1.17 -27.20
CA ARG A 133 16.51 -1.62 -26.28
C ARG A 133 16.52 -0.77 -25.03
N ILE A 134 16.55 -1.42 -23.88
CA ILE A 134 16.50 -0.72 -22.60
C ILE A 134 17.73 -1.09 -21.77
N GLU A 135 18.49 -0.08 -21.36
CA GLU A 135 19.65 -0.32 -20.53
C GLU A 135 19.23 -0.48 -19.07
N THR A 136 19.88 -1.41 -18.38
CA THR A 136 19.63 -1.65 -16.95
C THR A 136 20.96 -1.90 -16.24
N PRO A 137 20.95 -1.87 -14.89
CA PRO A 137 22.19 -2.12 -14.15
C PRO A 137 22.79 -3.51 -14.37
N VAL A 138 22.03 -4.45 -14.93
CA VAL A 138 22.55 -5.79 -15.18
C VAL A 138 22.67 -6.10 -16.67
N GLY A 139 22.51 -5.08 -17.51
CA GLY A 139 22.72 -5.23 -18.94
C GLY A 139 21.54 -4.76 -19.77
N THR A 140 21.72 -4.71 -21.08
CA THR A 140 20.66 -4.20 -21.95
C THR A 140 19.67 -5.31 -22.30
N VAL A 141 18.38 -5.01 -22.20
CA VAL A 141 17.34 -5.96 -22.60
C VAL A 141 16.63 -5.41 -23.81
N GLU A 142 15.96 -6.29 -24.55
CA GLU A 142 15.23 -5.88 -25.73
C GLU A 142 13.74 -6.08 -25.51
N ALA A 143 12.96 -5.00 -25.58
CA ALA A 143 11.52 -5.12 -25.39
C ALA A 143 10.81 -4.91 -26.72
N THR A 144 9.79 -5.71 -26.97
CA THR A 144 8.98 -5.52 -28.18
C THR A 144 7.56 -5.12 -27.75
N LEU A 145 7.14 -3.94 -28.18
CA LEU A 145 5.77 -3.50 -27.95
C LEU A 145 4.91 -3.98 -29.11
N HIS A 146 3.97 -4.86 -28.82
CA HIS A 146 3.17 -5.51 -29.86
C HIS A 146 1.95 -4.67 -30.21
N GLU A 147 1.22 -5.08 -31.25
CA GLU A 147 0.04 -4.33 -31.68
C GLU A 147 -1.10 -4.41 -30.67
N ASP A 148 -1.09 -5.45 -29.84
CA ASP A 148 -2.09 -5.58 -28.78
C ASP A 148 -1.64 -4.86 -27.51
N LEU A 149 -0.49 -4.19 -27.60
CA LEU A 149 0.11 -3.40 -26.52
C LEU A 149 0.73 -4.22 -25.39
N SER A 150 0.70 -5.54 -25.51
CA SER A 150 1.49 -6.39 -24.64
C SER A 150 2.97 -6.19 -25.02
N VAL A 151 3.86 -6.65 -24.16
CA VAL A 151 5.28 -6.39 -24.35
C VAL A 151 6.03 -7.69 -24.11
N SER A 152 6.87 -8.07 -25.07
CA SER A 152 7.81 -9.16 -24.87
C SER A 152 9.15 -8.62 -24.41
N VAL A 153 9.71 -9.20 -23.35
CA VAL A 153 11.05 -8.80 -22.90
C VAL A 153 12.01 -9.95 -23.14
N ARG A 154 13.09 -9.64 -23.87
CA ARG A 154 14.21 -10.54 -24.05
C ARG A 154 15.19 -10.17 -22.94
N ASN A 155 15.19 -10.98 -21.89
CA ASN A 155 15.94 -10.70 -20.66
C ASN A 155 17.43 -10.99 -20.82
N VAL A 156 18.22 -10.54 -19.84
CA VAL A 156 19.62 -10.92 -19.77
C VAL A 156 19.68 -12.44 -19.54
N PRO A 157 20.83 -13.06 -19.82
CA PRO A 157 20.94 -14.52 -19.71
C PRO A 157 20.62 -15.01 -18.30
N ALA A 158 20.00 -16.19 -18.22
CA ALA A 158 19.63 -16.79 -16.95
C ALA A 158 20.36 -18.11 -16.80
N TYR A 159 20.60 -18.53 -15.57
CA TYR A 159 21.27 -19.82 -15.34
C TYR A 159 21.02 -20.35 -13.94
N ARG A 160 21.17 -21.66 -13.79
CA ARG A 160 21.09 -22.27 -12.46
C ARG A 160 22.50 -22.41 -11.89
N TYR A 161 22.68 -21.98 -10.65
CA TYR A 161 23.97 -21.97 -9.98
C TYR A 161 24.17 -23.24 -9.14
N ARG A 162 23.14 -23.61 -8.39
CA ARG A 162 23.16 -24.83 -7.59
C ARG A 162 21.78 -25.48 -7.66
N THR A 163 21.74 -26.80 -7.58
CA THR A 163 20.46 -27.50 -7.63
C THR A 163 20.20 -28.39 -6.42
N GLN A 164 18.93 -28.48 -6.04
CA GLN A 164 18.48 -29.21 -4.85
C GLN A 164 19.34 -29.01 -3.60
N VAL A 165 19.53 -27.75 -3.26
CA VAL A 165 20.22 -27.35 -2.04
C VAL A 165 19.29 -27.63 -0.85
N MET A 166 19.79 -28.38 0.12
CA MET A 166 18.97 -28.80 1.25
C MET A 166 18.88 -27.70 2.30
N LEU A 167 17.69 -27.53 2.86
CA LEU A 167 17.43 -26.49 3.85
C LEU A 167 16.55 -27.03 4.98
N GLN A 168 17.00 -26.84 6.22
CA GLN A 168 16.21 -27.21 7.38
C GLN A 168 15.31 -26.04 7.79
N LEU A 169 14.01 -26.27 7.77
CA LEU A 169 13.04 -25.27 8.23
C LEU A 169 12.39 -25.75 9.51
N PRO A 170 12.72 -25.09 10.64
CA PRO A 170 12.17 -25.46 11.95
C PRO A 170 10.65 -25.74 11.98
N GLY A 171 9.87 -24.98 11.23
CA GLY A 171 8.43 -25.22 11.23
C GLY A 171 8.01 -26.46 10.45
N HIS A 172 8.84 -26.85 9.49
CA HIS A 172 8.39 -27.74 8.43
C HIS A 172 9.39 -28.86 8.09
N GLY A 173 10.62 -28.70 8.54
CA GLY A 173 11.65 -29.68 8.24
C GLY A 173 12.35 -29.36 6.94
N LYS A 174 12.89 -30.39 6.30
CA LYS A 174 13.70 -30.19 5.10
C LYS A 174 12.91 -29.72 3.89
N VAL A 175 13.53 -28.83 3.13
CA VAL A 175 13.10 -28.52 1.77
C VAL A 175 14.34 -28.52 0.90
N HIS A 176 14.13 -28.62 -0.40
CA HIS A 176 15.24 -28.48 -1.33
C HIS A 176 14.86 -27.37 -2.29
N GLY A 177 15.86 -26.58 -2.68
CA GLY A 177 15.61 -25.50 -3.61
C GLY A 177 16.76 -25.33 -4.59
N ASP A 178 16.45 -24.76 -5.75
CA ASP A 178 17.49 -24.37 -6.71
C ASP A 178 17.90 -22.93 -6.45
N ILE A 179 19.16 -22.62 -6.71
CA ILE A 179 19.64 -21.24 -6.65
C ILE A 179 19.94 -20.81 -8.08
N ALA A 180 19.27 -19.76 -8.55
CA ALA A 180 19.38 -19.42 -9.96
C ALA A 180 19.25 -17.92 -10.19
N TRP A 181 19.86 -17.45 -11.28
CA TRP A 181 19.88 -16.02 -11.62
C TRP A 181 18.96 -15.77 -12.81
N GLY A 182 18.01 -14.86 -12.64
CA GLY A 182 17.15 -14.44 -13.72
C GLY A 182 17.13 -12.95 -13.95
N GLY A 183 18.16 -12.26 -13.48
CA GLY A 183 18.13 -10.80 -13.44
C GLY A 183 18.14 -10.31 -11.99
N ASN A 184 17.76 -11.20 -11.08
CA ASN A 184 17.99 -11.05 -9.64
C ASN A 184 18.28 -12.48 -9.18
N TRP A 185 18.74 -12.66 -7.95
CA TRP A 185 18.96 -14.02 -7.41
C TRP A 185 17.73 -14.62 -6.72
N PHE A 186 17.42 -15.88 -7.06
CA PHE A 186 16.23 -16.58 -6.57
C PHE A 186 16.57 -17.92 -5.94
N PHE A 187 15.83 -18.27 -4.90
CA PHE A 187 15.78 -19.62 -4.39
C PHE A 187 14.41 -20.16 -4.77
N LEU A 188 14.40 -21.26 -5.50
CA LEU A 188 13.18 -21.83 -6.09
C LEU A 188 12.83 -23.16 -5.44
N ILE A 189 11.61 -23.27 -4.91
CA ILE A 189 11.20 -24.47 -4.19
C ILE A 189 9.88 -25.02 -4.72
N SER A 190 9.84 -26.34 -4.93
CA SER A 190 8.59 -27.02 -5.30
C SER A 190 8.02 -27.91 -4.19
N ASP A 191 8.91 -28.43 -3.34
CA ASP A 191 8.49 -29.37 -2.29
C ASP A 191 8.18 -28.69 -0.95
N HIS A 192 7.47 -27.57 -1.02
CA HIS A 192 7.19 -26.76 0.16
C HIS A 192 5.90 -27.18 0.89
N GLY A 193 4.95 -27.73 0.16
CA GLY A 193 3.71 -28.22 0.75
C GLY A 193 2.76 -27.12 1.20
N GLN A 194 2.94 -25.91 0.66
CA GLN A 194 2.10 -24.78 1.02
C GLN A 194 1.04 -24.56 -0.04
N ARG A 195 -0.09 -24.01 0.37
CA ARG A 195 -1.18 -23.71 -0.55
C ARG A 195 -0.96 -22.33 -1.14
N ILE A 196 -0.85 -22.26 -2.47
CA ILE A 196 -0.58 -20.99 -3.12
C ILE A 196 -1.88 -20.37 -3.65
N ALA A 197 -2.35 -19.32 -2.95
CA ALA A 197 -3.56 -18.58 -3.31
C ALA A 197 -3.58 -17.25 -2.58
N LEU A 198 -4.28 -16.29 -3.14
CA LEU A 198 -4.31 -14.93 -2.58
C LEU A 198 -4.78 -14.95 -1.12
N ASP A 199 -5.69 -15.85 -0.79
CA ASP A 199 -6.21 -15.90 0.57
C ASP A 199 -5.24 -16.47 1.59
N ASN A 200 -4.08 -16.93 1.12
CA ASN A 200 -3.08 -17.53 2.00
C ASN A 200 -1.75 -16.78 2.06
N VAL A 201 -1.72 -15.53 1.57
CA VAL A 201 -0.45 -14.79 1.46
C VAL A 201 0.21 -14.50 2.81
N GLU A 202 -0.57 -14.49 3.88
CA GLU A 202 0.02 -14.27 5.19
C GLU A 202 0.91 -15.44 5.61
N ALA A 203 0.43 -16.67 5.47
CA ALA A 203 1.24 -17.85 5.78
C ALA A 203 2.38 -18.01 4.79
N LEU A 204 2.10 -17.70 3.53
CA LEU A 204 3.11 -17.81 2.48
C LEU A 204 4.24 -16.83 2.73
N THR A 205 3.89 -15.66 3.23
CA THR A 205 4.87 -14.64 3.53
C THR A 205 5.73 -15.10 4.71
N HIS A 206 5.11 -15.68 5.72
CA HIS A 206 5.87 -16.20 6.85
C HIS A 206 6.78 -17.36 6.47
N TYR A 207 6.28 -18.26 5.62
CA TYR A 207 7.07 -19.40 5.18
C TYR A 207 8.32 -18.96 4.42
N THR A 208 8.13 -18.09 3.43
CA THR A 208 9.26 -17.62 2.64
C THR A 208 10.25 -16.79 3.44
N ARG A 209 9.76 -16.10 4.48
CA ARG A 209 10.65 -15.37 5.35
C ARG A 209 11.50 -16.35 6.16
N ASP A 210 10.88 -17.45 6.59
CA ASP A 210 11.61 -18.48 7.32
C ASP A 210 12.67 -19.12 6.42
N VAL A 211 12.36 -19.23 5.13
CA VAL A 211 13.31 -19.78 4.16
C VAL A 211 14.51 -18.86 4.00
N ARG A 212 14.28 -17.56 3.90
CA ARG A 212 15.40 -16.64 3.70
C ARG A 212 16.28 -16.60 4.94
N GLN A 213 15.65 -16.68 6.11
CA GLN A 213 16.37 -16.75 7.38
C GLN A 213 17.28 -17.98 7.43
N ALA A 214 16.76 -19.11 6.95
CA ALA A 214 17.53 -20.36 6.91
C ALA A 214 18.71 -20.26 5.94
N LEU A 215 18.48 -19.63 4.80
CA LEU A 215 19.57 -19.41 3.85
C LEU A 215 20.70 -18.61 4.47
N GLU A 216 20.35 -17.52 5.16
CA GLU A 216 21.33 -16.64 5.77
C GLU A 216 22.11 -17.32 6.89
N ALA A 217 21.40 -18.11 7.69
CA ALA A 217 22.03 -18.88 8.76
C ALA A 217 23.06 -19.85 8.23
N ALA A 218 22.73 -20.52 7.12
CA ALA A 218 23.61 -21.52 6.54
C ALA A 218 24.66 -20.90 5.61
N GLY A 219 24.62 -19.57 5.48
CA GLY A 219 25.59 -18.87 4.65
C GLY A 219 25.48 -19.19 3.18
N ILE A 220 24.27 -19.46 2.71
CA ILE A 220 24.05 -19.85 1.33
C ILE A 220 23.81 -18.63 0.43
N THR A 221 24.54 -18.57 -0.68
CA THR A 221 24.48 -17.42 -1.58
C THR A 221 24.43 -17.88 -3.03
N GLY A 222 24.29 -16.92 -3.95
CA GLY A 222 24.46 -17.21 -5.36
C GLY A 222 25.93 -17.04 -5.70
N ALA A 223 26.24 -16.98 -6.99
CA ALA A 223 27.62 -16.85 -7.44
C ALA A 223 28.29 -15.62 -6.86
N GLU A 224 29.57 -15.75 -6.53
CA GLU A 224 30.35 -14.68 -5.92
C GLU A 224 29.66 -14.05 -4.71
N GLY A 225 29.09 -14.88 -3.85
CA GLY A 225 28.45 -14.41 -2.63
C GLY A 225 27.23 -13.55 -2.87
N GLY A 226 26.59 -13.70 -4.03
CA GLY A 226 25.38 -12.94 -4.32
C GLY A 226 24.31 -13.23 -3.29
N VAL A 227 23.81 -12.18 -2.64
CA VAL A 227 22.70 -12.34 -1.68
C VAL A 227 21.46 -12.85 -2.42
N ILE A 228 20.90 -13.96 -1.92
CA ILE A 228 19.66 -14.48 -2.49
C ILE A 228 18.49 -13.76 -1.83
N ASP A 229 18.00 -12.72 -2.49
CA ASP A 229 16.99 -11.87 -1.86
C ASP A 229 15.56 -12.07 -2.34
N HIS A 230 15.35 -12.98 -3.29
CA HIS A 230 14.00 -13.37 -3.69
C HIS A 230 13.76 -14.86 -3.42
N ILE A 231 12.59 -15.18 -2.86
CA ILE A 231 12.24 -16.57 -2.62
C ILE A 231 11.01 -16.89 -3.42
N GLU A 232 11.06 -17.93 -4.26
CA GLU A 232 9.83 -18.33 -4.97
C GLU A 232 9.42 -19.77 -4.75
N LEU A 233 8.12 -19.95 -4.53
CA LEU A 233 7.51 -21.26 -4.37
C LEU A 233 6.69 -21.55 -5.61
N PHE A 234 6.72 -22.80 -6.07
CA PHE A 234 5.96 -23.18 -7.25
C PHE A 234 4.97 -24.30 -6.92
N ALA A 235 3.85 -24.33 -7.64
CA ALA A 235 2.86 -25.40 -7.47
C ALA A 235 2.13 -25.60 -8.79
N ASP A 236 1.41 -26.72 -8.90
CA ASP A 236 0.58 -26.96 -10.08
C ASP A 236 -0.59 -25.99 -10.13
N ASP A 237 -1.13 -25.79 -11.34
CA ASP A 237 -2.27 -24.92 -11.55
C ASP A 237 -3.17 -25.59 -12.58
N PRO A 238 -4.49 -25.51 -12.40
CA PRO A 238 -5.37 -26.15 -13.38
C PRO A 238 -5.45 -25.40 -14.72
N GLN A 239 -4.97 -24.16 -14.76
CA GLN A 239 -5.14 -23.32 -15.96
C GLN A 239 -3.82 -22.77 -16.51
N ALA A 240 -2.71 -23.15 -15.87
CA ALA A 240 -1.38 -22.76 -16.36
C ALA A 240 -0.42 -23.92 -16.12
N ASP A 241 0.84 -23.76 -16.54
CA ASP A 241 1.82 -24.80 -16.25
C ASP A 241 2.19 -24.80 -14.77
N SER A 242 2.17 -23.62 -14.16
CA SER A 242 2.53 -23.49 -12.77
C SER A 242 1.91 -22.23 -12.22
N ARG A 243 1.79 -22.18 -10.89
CA ARG A 243 1.43 -20.96 -10.17
C ARG A 243 2.53 -20.70 -9.14
N ASN A 244 2.91 -19.43 -8.92
CA ASN A 244 3.97 -19.16 -7.94
C ASN A 244 3.62 -18.14 -6.86
N PHE A 245 4.45 -18.12 -5.82
CA PHE A 245 4.42 -17.06 -4.81
C PHE A 245 5.85 -16.57 -4.67
N VAL A 246 6.05 -15.26 -4.71
CA VAL A 246 7.41 -14.71 -4.71
C VAL A 246 7.53 -13.67 -3.61
N LEU A 247 8.44 -13.92 -2.68
CA LEU A 247 8.76 -12.94 -1.65
C LEU A 247 9.89 -12.06 -2.17
N CYS A 248 9.65 -10.76 -2.21
CA CYS A 248 10.63 -9.81 -2.77
C CYS A 248 11.57 -9.35 -1.66
N PRO A 249 12.66 -8.64 -2.01
CA PRO A 249 13.68 -8.31 -0.99
C PRO A 249 13.16 -7.58 0.26
N GLY A 250 12.16 -6.72 0.13
CA GLY A 250 11.64 -5.97 1.28
C GLY A 250 10.43 -6.62 1.90
N LYS A 251 10.26 -7.92 1.60
CA LYS A 251 9.24 -8.77 2.22
C LYS A 251 7.79 -8.54 1.74
N ALA A 252 7.63 -7.75 0.69
CA ALA A 252 6.35 -7.68 -0.01
C ALA A 252 6.33 -8.81 -1.01
N TYR A 253 5.14 -9.30 -1.37
CA TYR A 253 5.07 -10.31 -2.44
C TYR A 253 4.84 -9.68 -3.80
N ASP A 254 5.23 -10.40 -4.84
CA ASP A 254 5.04 -9.94 -6.21
C ASP A 254 3.64 -10.33 -6.63
N ARG A 255 2.83 -9.35 -7.02
CA ARG A 255 1.48 -9.65 -7.48
C ARG A 255 1.49 -10.27 -8.87
N SER A 256 2.57 -10.05 -9.61
CA SER A 256 2.74 -10.59 -10.97
C SER A 256 3.38 -11.97 -10.94
N PRO A 257 3.45 -12.66 -12.09
CA PRO A 257 4.14 -13.96 -12.12
C PRO A 257 5.67 -13.83 -11.99
N CYS A 258 6.16 -12.59 -11.91
CA CYS A 258 7.59 -12.30 -11.69
C CYS A 258 8.45 -12.65 -12.89
N GLY A 259 8.82 -11.62 -13.65
CA GLY A 259 9.58 -11.81 -14.87
C GLY A 259 10.95 -12.41 -14.62
N THR A 260 11.70 -11.82 -13.69
CA THR A 260 13.03 -12.35 -13.41
C THR A 260 12.94 -13.71 -12.71
N GLY A 261 11.91 -13.88 -11.89
CA GLY A 261 11.71 -15.13 -11.20
C GLY A 261 11.33 -16.25 -12.14
N THR A 262 10.49 -15.93 -13.11
CA THR A 262 10.11 -16.91 -14.12
C THR A 262 11.30 -17.20 -15.04
N SER A 263 12.13 -16.19 -15.27
CA SER A 263 13.37 -16.36 -16.04
C SER A 263 14.28 -17.38 -15.39
N ALA A 264 14.42 -17.28 -14.06
CA ALA A 264 15.21 -18.24 -13.32
C ALA A 264 14.60 -19.64 -13.41
N LYS A 265 13.27 -19.70 -13.33
CA LYS A 265 12.53 -20.95 -13.46
C LYS A 265 12.82 -21.64 -14.80
N LEU A 266 12.83 -20.86 -15.89
CA LEU A 266 13.12 -21.45 -17.20
C LEU A 266 14.50 -22.10 -17.23
N ALA A 267 15.48 -21.46 -16.60
CA ALA A 267 16.83 -22.03 -16.60
C ALA A 267 16.84 -23.33 -15.83
N CYS A 268 16.07 -23.41 -14.75
CA CYS A 268 16.03 -24.62 -13.94
C CYS A 268 15.33 -25.74 -14.71
N LEU A 269 14.15 -25.45 -15.28
CA LEU A 269 13.46 -26.43 -16.13
C LEU A 269 14.35 -26.96 -17.25
N ALA A 270 15.03 -26.06 -17.94
CA ALA A 270 15.92 -26.45 -19.04
C ALA A 270 17.01 -27.40 -18.56
N ALA A 271 17.64 -27.05 -17.45
CA ALA A 271 18.76 -27.85 -16.94
C ALA A 271 18.31 -29.22 -16.44
N ASP A 272 17.05 -29.31 -16.03
CA ASP A 272 16.48 -30.57 -15.56
C ASP A 272 15.93 -31.42 -16.70
N GLY A 273 16.03 -30.91 -17.93
CA GLY A 273 15.54 -31.62 -19.11
C GLY A 273 14.04 -31.53 -19.29
N LYS A 274 13.43 -30.47 -18.75
CA LYS A 274 11.97 -30.39 -18.68
C LYS A 274 11.35 -29.34 -19.58
N LEU A 275 12.19 -28.53 -20.22
CA LEU A 275 11.74 -27.54 -21.20
C LEU A 275 12.84 -27.28 -22.22
N ALA A 276 12.47 -27.38 -23.50
CA ALA A 276 13.42 -27.20 -24.59
C ALA A 276 13.30 -25.77 -25.13
N PRO A 277 14.31 -25.30 -25.87
CA PRO A 277 14.23 -23.95 -26.44
C PRO A 277 12.98 -23.77 -27.30
N GLY A 278 12.32 -22.63 -27.17
CA GLY A 278 11.16 -22.32 -27.99
C GLY A 278 9.81 -22.79 -27.47
N GLN A 279 9.80 -23.73 -26.53
CA GLN A 279 8.56 -24.26 -25.97
C GLN A 279 7.92 -23.30 -24.99
N ALA A 280 6.60 -23.14 -25.08
CA ALA A 280 5.92 -22.17 -24.22
C ALA A 280 5.73 -22.68 -22.79
N TRP A 281 5.87 -21.76 -21.85
CA TRP A 281 5.62 -22.01 -20.43
C TRP A 281 4.69 -20.91 -19.93
N ARG A 282 3.52 -21.29 -19.42
CA ARG A 282 2.57 -20.32 -18.89
C ARG A 282 2.65 -20.29 -17.36
N GLN A 283 3.01 -19.12 -16.82
CA GLN A 283 3.21 -18.98 -15.39
C GLN A 283 2.14 -18.08 -14.78
N ALA A 284 1.35 -18.61 -13.86
CA ALA A 284 0.36 -17.82 -13.13
C ALA A 284 0.93 -17.29 -11.81
N SER A 285 0.40 -16.15 -11.35
CA SER A 285 0.84 -15.53 -10.11
C SER A 285 -0.07 -15.93 -8.97
N VAL A 286 0.29 -15.52 -7.76
CA VAL A 286 -0.52 -15.84 -6.58
C VAL A 286 -1.92 -15.24 -6.71
N ILE A 287 -2.06 -14.16 -7.49
CA ILE A 287 -3.39 -13.57 -7.69
C ILE A 287 -4.05 -13.95 -9.03
N GLY A 288 -3.43 -14.84 -9.79
CA GLY A 288 -4.08 -15.35 -10.99
C GLY A 288 -3.70 -14.69 -12.31
N SER A 289 -2.92 -13.62 -12.25
CA SER A 289 -2.41 -13.03 -13.47
C SER A 289 -1.40 -13.98 -14.10
N GLN A 290 -1.23 -13.90 -15.42
CA GLN A 290 -0.32 -14.81 -16.12
C GLN A 290 0.69 -14.14 -17.04
N PHE A 291 1.87 -14.76 -17.14
CA PHE A 291 2.87 -14.44 -18.17
C PHE A 291 3.02 -15.67 -19.06
N SER A 292 3.35 -15.45 -20.32
CA SER A 292 3.82 -16.55 -21.18
C SER A 292 5.30 -16.35 -21.39
N ALA A 293 6.04 -17.46 -21.45
CA ALA A 293 7.49 -17.35 -21.61
C ALA A 293 8.07 -18.52 -22.36
N HIS A 294 9.24 -18.30 -22.95
CA HIS A 294 10.04 -19.37 -23.50
C HIS A 294 11.48 -18.90 -23.47
N TYR A 295 12.41 -19.78 -23.82
CA TYR A 295 13.78 -19.34 -23.90
C TYR A 295 14.38 -19.70 -25.23
N GLU A 296 15.42 -18.97 -25.59
CA GLU A 296 16.21 -19.30 -26.76
C GLU A 296 17.63 -19.54 -26.29
N LYS A 297 18.35 -20.31 -27.08
CA LYS A 297 19.74 -20.60 -26.78
C LYS A 297 20.60 -19.89 -27.80
N VAL A 298 21.52 -19.08 -27.30
CA VAL A 298 22.51 -18.43 -28.16
C VAL A 298 23.88 -18.91 -27.69
N GLY A 299 24.41 -19.91 -28.38
CA GLY A 299 25.61 -20.58 -27.91
C GLY A 299 25.32 -21.25 -26.59
N GLU A 300 26.14 -20.96 -25.57
CA GLU A 300 25.96 -21.58 -24.27
C GLU A 300 24.90 -20.87 -23.44
N GLN A 301 24.50 -19.68 -23.87
CA GLN A 301 23.64 -18.84 -23.04
C GLN A 301 22.15 -19.14 -23.21
N LEU A 302 21.42 -19.07 -22.11
CA LEU A 302 19.98 -19.27 -22.13
C LEU A 302 19.32 -17.92 -21.98
N ILE A 303 18.53 -17.54 -22.97
CA ILE A 303 17.93 -16.20 -23.00
C ILE A 303 16.44 -16.32 -22.78
N PRO A 304 15.96 -15.86 -21.61
CA PRO A 304 14.52 -15.94 -21.34
C PRO A 304 13.74 -14.84 -22.07
N ILE A 305 12.59 -15.20 -22.63
CA ILE A 305 11.73 -14.22 -23.28
C ILE A 305 10.34 -14.23 -22.63
N LEU A 306 9.95 -13.13 -22.00
CA LEU A 306 8.70 -13.06 -21.26
C LEU A 306 7.70 -12.14 -21.96
N ARG A 307 6.44 -12.54 -22.01
CA ARG A 307 5.40 -11.66 -22.57
C ARG A 307 4.27 -11.43 -21.58
N GLY A 308 3.92 -10.17 -21.37
CA GLY A 308 2.83 -9.82 -20.48
C GLY A 308 2.28 -8.46 -20.82
N SER A 309 1.22 -8.05 -20.13
CA SER A 309 0.61 -6.74 -20.35
C SER A 309 0.64 -5.87 -19.10
N ALA A 310 0.90 -4.58 -19.30
CA ALA A 310 0.74 -3.61 -18.24
C ALA A 310 -0.44 -2.72 -18.60
N HIS A 311 -1.08 -2.16 -17.59
CA HIS A 311 -2.11 -1.15 -17.79
C HIS A 311 -1.76 0.09 -16.99
N ILE A 312 -2.06 1.27 -17.54
CA ILE A 312 -1.78 2.51 -16.83
C ILE A 312 -2.73 2.65 -15.63
N SER A 313 -2.18 3.05 -14.48
CA SER A 313 -2.95 3.22 -13.24
C SER A 313 -3.26 4.67 -12.98
N ALA A 314 -2.25 5.53 -13.13
CA ALA A 314 -2.42 6.94 -12.81
C ALA A 314 -1.32 7.77 -13.41
N GLU A 315 -1.66 9.04 -13.69
CA GLU A 315 -0.68 10.08 -13.90
C GLU A 315 -0.63 10.90 -12.62
N ALA A 316 0.56 11.03 -12.03
CA ALA A 316 0.66 11.72 -10.75
C ALA A 316 1.88 12.62 -10.66
N THR A 317 1.73 13.69 -9.88
CA THR A 317 2.90 14.48 -9.48
C THR A 317 2.99 14.38 -7.97
N LEU A 318 4.04 13.71 -7.48
CA LEU A 318 4.28 13.65 -6.05
C LEU A 318 4.81 15.01 -5.60
N LEU A 319 4.34 15.46 -4.44
CA LEU A 319 4.74 16.76 -3.90
C LEU A 319 5.44 16.56 -2.57
N LEU A 320 6.68 17.03 -2.47
CA LEU A 320 7.48 16.83 -1.27
C LEU A 320 7.53 18.11 -0.46
N ASP A 321 6.65 18.18 0.54
CA ASP A 321 6.51 19.33 1.43
C ASP A 321 7.62 19.33 2.47
N ASP A 322 8.41 20.40 2.53
CA ASP A 322 9.52 20.45 3.48
C ASP A 322 9.06 20.52 4.94
N SER A 323 7.79 20.89 5.16
CA SER A 323 7.22 20.96 6.51
C SER A 323 6.69 19.61 7.00
N ASP A 324 6.65 18.63 6.10
CA ASP A 324 6.12 17.29 6.37
C ASP A 324 7.19 16.45 7.07
N PRO A 325 6.90 15.97 8.30
CA PRO A 325 7.85 15.16 9.04
C PRO A 325 8.16 13.85 8.33
N PHE A 326 7.25 13.39 7.47
CA PHE A 326 7.50 12.16 6.73
C PHE A 326 7.79 12.40 5.27
N VAL A 327 8.33 13.58 4.95
CA VAL A 327 8.66 13.89 3.56
C VAL A 327 9.59 12.88 2.90
N TRP A 328 10.48 12.27 3.68
CA TRP A 328 11.39 11.26 3.11
C TRP A 328 10.98 9.84 3.50
N GLY A 329 9.72 9.66 3.87
CA GLY A 329 9.21 8.32 4.11
C GLY A 329 9.10 7.89 5.55
N ILE A 330 8.14 7.02 5.82
CA ILE A 330 7.92 6.47 7.16
C ILE A 330 8.74 5.19 7.34
N GLY A 331 9.23 4.95 8.55
CA GLY A 331 9.72 3.63 8.90
C GLY A 331 11.21 3.54 8.98
N SER A 332 11.70 2.36 9.40
CA SER A 332 13.12 2.16 9.68
C SER A 332 13.98 2.18 8.43
N MET B 23 -8.67 5.38 -19.77
CA MET B 23 -10.01 5.52 -20.33
C MET B 23 -10.88 6.47 -19.48
N LYS B 24 -11.52 5.96 -18.42
CA LYS B 24 -12.23 6.83 -17.47
C LYS B 24 -11.24 7.47 -16.51
N LYS B 25 -11.48 8.71 -16.08
CA LYS B 25 -10.54 9.39 -15.21
C LYS B 25 -11.14 9.76 -13.86
N ILE B 26 -10.35 9.57 -12.81
CA ILE B 26 -10.75 10.00 -11.47
C ILE B 26 -9.69 10.96 -10.97
N THR B 27 -10.05 12.23 -10.80
CA THR B 27 -9.10 13.25 -10.37
C THR B 27 -9.04 13.30 -8.84
N VAL B 28 -7.84 13.20 -8.27
CA VAL B 28 -7.74 13.16 -6.81
C VAL B 28 -6.62 14.04 -6.28
N ILE B 29 -6.74 14.41 -5.01
CA ILE B 29 -5.65 15.00 -4.27
C ILE B 29 -5.32 14.02 -3.17
N ASP B 30 -4.12 13.46 -3.19
CA ASP B 30 -3.68 12.55 -2.14
C ASP B 30 -2.97 13.36 -1.08
N SER B 31 -3.29 13.09 0.18
CA SER B 31 -2.61 13.75 1.28
C SER B 31 -2.42 12.74 2.38
N HIS B 32 -1.77 13.13 3.47
CA HIS B 32 -1.76 12.27 4.64
C HIS B 32 -1.80 13.10 5.89
N THR B 33 -2.40 12.54 6.93
CA THR B 33 -2.48 13.22 8.22
C THR B 33 -1.75 12.39 9.25
N GLY B 34 -0.59 12.87 9.68
CA GLY B 34 0.24 12.11 10.61
C GLY B 34 0.60 10.74 10.05
N GLY B 35 0.66 10.64 8.73
CA GLY B 35 1.06 9.41 8.06
C GLY B 35 -0.09 8.57 7.53
N GLU B 36 -1.31 8.89 7.95
CA GLU B 36 -2.49 8.17 7.48
C GLU B 36 -3.00 8.85 6.21
N PRO B 37 -3.07 8.10 5.09
CA PRO B 37 -3.38 8.74 3.82
C PRO B 37 -4.87 8.98 3.58
N THR B 38 -5.16 10.07 2.86
CA THR B 38 -6.52 10.35 2.38
C THR B 38 -6.46 10.60 0.88
N ARG B 39 -7.33 9.92 0.14
CA ARG B 39 -7.48 10.15 -1.28
C ARG B 39 -8.78 10.91 -1.50
N LEU B 40 -8.67 12.22 -1.75
CA LEU B 40 -9.85 13.08 -1.91
C LEU B 40 -10.23 13.08 -3.38
N VAL B 41 -11.39 12.52 -3.70
CA VAL B 41 -11.85 12.45 -5.08
C VAL B 41 -12.57 13.75 -5.41
N ILE B 42 -12.01 14.55 -6.31
CA ILE B 42 -12.63 15.83 -6.65
C ILE B 42 -13.39 15.81 -7.97
N ASP B 43 -13.25 14.73 -8.73
CA ASP B 43 -14.04 14.58 -9.95
C ASP B 43 -13.96 13.16 -10.46
N GLY B 44 -15.01 12.70 -11.14
CA GLY B 44 -14.94 11.42 -11.82
C GLY B 44 -15.82 10.31 -11.31
N PHE B 45 -16.34 10.44 -10.09
CA PHE B 45 -17.25 9.42 -9.54
C PHE B 45 -18.64 9.67 -10.10
N PRO B 46 -19.50 8.63 -10.07
CA PRO B 46 -20.88 8.80 -10.53
C PRO B 46 -21.66 9.83 -9.73
N ASP B 47 -22.69 10.42 -10.33
CA ASP B 47 -23.52 11.37 -9.57
C ASP B 47 -24.40 10.60 -8.58
N LEU B 48 -24.55 11.16 -7.38
CA LEU B 48 -25.27 10.48 -6.32
C LEU B 48 -26.56 11.19 -5.93
N GLY B 49 -26.98 12.16 -6.75
CA GLY B 49 -28.17 12.93 -6.46
C GLY B 49 -27.88 14.12 -5.55
N ARG B 50 -28.93 14.70 -4.97
CA ARG B 50 -28.79 15.87 -4.12
C ARG B 50 -29.31 15.65 -2.70
N GLY B 51 -29.33 14.40 -2.26
CA GLY B 51 -29.80 14.11 -0.90
C GLY B 51 -28.76 14.44 0.15
N SER B 52 -29.01 14.01 1.38
CA SER B 52 -28.04 14.19 2.45
C SER B 52 -26.83 13.31 2.19
N MET B 53 -25.74 13.53 2.93
CA MET B 53 -24.55 12.72 2.70
C MET B 53 -24.85 11.26 3.05
N ALA B 54 -25.70 11.06 4.05
CA ALA B 54 -26.14 9.70 4.42
C ALA B 54 -26.88 9.05 3.27
N GLU B 55 -27.80 9.79 2.64
CA GLU B 55 -28.54 9.27 1.49
C GLU B 55 -27.63 8.98 0.30
N ARG B 56 -26.67 9.86 0.06
CA ARG B 56 -25.74 9.65 -1.06
C ARG B 56 -24.84 8.46 -0.79
N LEU B 57 -24.48 8.25 0.48
CA LEU B 57 -23.69 7.07 0.84
C LEU B 57 -24.44 5.80 0.46
N GLN B 58 -25.72 5.74 0.81
CA GLN B 58 -26.55 4.57 0.48
C GLN B 58 -26.50 4.27 -1.01
N ILE B 59 -26.58 5.32 -1.82
CA ILE B 59 -26.59 5.17 -3.28
C ILE B 59 -25.21 4.77 -3.80
N LEU B 60 -24.16 5.38 -3.24
CA LEU B 60 -22.80 5.03 -3.64
C LEU B 60 -22.55 3.54 -3.41
N GLU B 61 -22.88 3.07 -2.21
CA GLU B 61 -22.65 1.68 -1.86
C GLU B 61 -23.46 0.70 -2.70
N ARG B 62 -24.76 0.94 -2.85
CA ARG B 62 -25.64 0.01 -3.55
C ARG B 62 -25.39 -0.04 -5.06
N GLU B 63 -25.19 1.13 -5.66
CA GLU B 63 -25.12 1.21 -7.11
C GLU B 63 -23.71 1.31 -7.67
N HIS B 64 -22.77 1.80 -6.87
CA HIS B 64 -21.44 2.15 -7.38
C HIS B 64 -20.29 1.67 -6.51
N ASP B 65 -20.47 0.57 -5.79
CA ASP B 65 -19.40 0.14 -4.86
C ASP B 65 -18.13 -0.26 -5.61
N GLN B 66 -18.28 -0.64 -6.88
CA GLN B 66 -17.09 -0.92 -7.71
C GLN B 66 -16.18 0.28 -7.81
N TRP B 67 -16.75 1.49 -7.77
CA TRP B 67 -15.95 2.71 -7.85
C TRP B 67 -15.11 2.94 -6.59
N ARG B 68 -15.65 2.62 -5.42
CA ARG B 68 -14.84 2.64 -4.19
C ARG B 68 -13.65 1.70 -4.37
N ARG B 69 -13.94 0.52 -4.89
CA ARG B 69 -12.89 -0.49 -5.03
C ARG B 69 -11.78 -0.06 -6.00
N ALA B 70 -12.17 0.54 -7.13
CA ALA B 70 -11.18 1.01 -8.09
C ALA B 70 -10.32 2.13 -7.50
N CYS B 71 -10.94 2.94 -6.64
CA CYS B 71 -10.31 4.12 -6.08
C CYS B 71 -9.30 3.78 -4.99
N VAL B 72 -9.64 2.82 -4.12
CA VAL B 72 -8.78 2.57 -2.96
C VAL B 72 -8.11 1.18 -2.86
N LEU B 73 -8.62 0.17 -3.55
CA LEU B 73 -7.93 -1.13 -3.50
C LEU B 73 -6.70 -1.15 -4.42
N GLU B 74 -5.83 -2.13 -4.21
CA GLU B 74 -4.81 -2.46 -5.22
C GLU B 74 -5.55 -2.70 -6.55
N PRO B 75 -4.90 -2.38 -7.68
CA PRO B 75 -3.52 -1.87 -7.80
C PRO B 75 -3.42 -0.35 -7.76
N ARG B 76 -4.53 0.37 -7.94
CA ARG B 76 -4.46 1.82 -8.03
C ARG B 76 -4.41 2.48 -6.65
N GLY B 77 -4.81 1.72 -5.64
CA GLY B 77 -4.72 2.16 -4.24
C GLY B 77 -3.89 1.22 -3.39
N SER B 78 -4.31 1.06 -2.13
CA SER B 78 -3.58 0.28 -1.14
C SER B 78 -4.54 -0.10 -0.03
N ASP B 79 -4.30 -1.22 0.66
CA ASP B 79 -5.21 -1.62 1.75
C ASP B 79 -5.28 -0.58 2.88
N VAL B 80 -4.25 0.27 2.96
CA VAL B 80 -4.13 1.28 4.01
C VAL B 80 -5.01 2.49 3.74
N LEU B 81 -5.28 2.73 2.46
CA LEU B 81 -5.89 3.98 1.99
C LEU B 81 -7.35 4.23 2.43
N VAL B 82 -7.60 5.44 2.89
CA VAL B 82 -8.95 5.90 3.14
C VAL B 82 -9.31 6.91 2.08
N GLY B 83 -10.50 6.75 1.48
CA GLY B 83 -10.94 7.62 0.41
C GLY B 83 -11.95 8.61 0.92
N ALA B 84 -12.08 9.75 0.23
CA ALA B 84 -13.06 10.76 0.62
C ALA B 84 -13.63 11.37 -0.65
N LEU B 85 -14.93 11.17 -0.85
CA LEU B 85 -15.60 11.72 -2.04
C LEU B 85 -16.09 13.13 -1.73
N LEU B 86 -15.55 14.10 -2.45
CA LEU B 86 -15.98 15.48 -2.25
C LEU B 86 -17.36 15.67 -2.87
N CYS B 87 -18.29 16.26 -2.12
CA CYS B 87 -19.68 16.39 -2.56
C CYS B 87 -20.14 17.82 -2.42
N GLN B 88 -21.10 18.22 -3.23
CA GLN B 88 -21.78 19.50 -3.01
C GLN B 88 -22.73 19.30 -1.83
N PRO B 89 -22.64 20.16 -0.82
CA PRO B 89 -23.44 19.98 0.39
C PRO B 89 -24.88 20.43 0.19
N GLN B 90 -25.77 20.08 1.11
CA GLN B 90 -27.15 20.56 1.02
C GLN B 90 -27.31 21.97 1.58
N ALA B 91 -26.56 22.28 2.64
CA ALA B 91 -26.68 23.57 3.31
C ALA B 91 -25.83 24.66 2.65
N GLY B 92 -26.45 25.84 2.48
CA GLY B 92 -25.76 26.96 1.86
C GLY B 92 -24.61 27.51 2.69
N ASP B 93 -24.63 27.23 3.99
CA ASP B 93 -23.56 27.71 4.87
C ASP B 93 -22.38 26.72 4.97
N ALA B 94 -22.51 25.58 4.30
CA ALA B 94 -21.45 24.57 4.30
C ALA B 94 -20.54 24.72 3.09
N CYS B 95 -19.25 24.46 3.26
CA CYS B 95 -18.30 24.60 2.16
C CYS B 95 -18.15 23.30 1.37
N ALA B 96 -18.59 22.19 1.95
CA ALA B 96 -18.42 20.88 1.33
C ALA B 96 -19.19 19.79 2.06
N GLY B 97 -19.44 18.70 1.35
CA GLY B 97 -19.91 17.47 1.95
C GLY B 97 -18.87 16.40 1.64
N VAL B 98 -18.89 15.30 2.38
CA VAL B 98 -17.92 14.24 2.16
C VAL B 98 -18.50 12.89 2.56
N ILE B 99 -18.11 11.85 1.83
CA ILE B 99 -18.36 10.46 2.23
C ILE B 99 -17.00 9.76 2.30
N PHE B 100 -16.73 9.09 3.42
CA PHE B 100 -15.43 8.43 3.61
C PHE B 100 -15.56 6.92 3.42
N PHE B 101 -14.51 6.30 2.87
CA PHE B 101 -14.54 4.86 2.65
C PHE B 101 -13.14 4.27 2.76
N ASN B 102 -13.07 2.95 2.88
CA ASN B 102 -11.78 2.26 3.05
C ASN B 102 -11.80 0.96 2.29
N ASN B 103 -10.83 0.07 2.55
CA ASN B 103 -10.72 -1.15 1.75
C ASN B 103 -11.89 -2.11 1.94
N SER B 104 -12.66 -1.95 3.02
CA SER B 104 -13.74 -2.89 3.27
C SER B 104 -15.14 -2.33 3.03
N GLY B 105 -15.30 -1.02 3.18
CA GLY B 105 -16.62 -0.43 3.06
C GLY B 105 -16.63 1.05 3.37
N TYR B 106 -17.62 1.48 4.16
CA TYR B 106 -17.81 2.91 4.39
C TYR B 106 -17.65 3.29 5.85
N LEU B 107 -17.15 4.51 6.06
CA LEU B 107 -16.97 5.06 7.40
C LEU B 107 -18.13 5.99 7.75
N GLY B 108 -18.14 6.45 8.99
CA GLY B 108 -19.08 7.48 9.42
C GLY B 108 -18.37 8.81 9.30
N MET B 109 -17.79 9.27 10.40
CA MET B 109 -16.90 10.41 10.34
C MET B 109 -15.48 9.89 10.20
N CYS B 110 -14.56 10.81 9.90
CA CYS B 110 -13.15 10.46 9.76
C CYS B 110 -12.37 11.72 10.10
N GLY B 111 -11.73 11.74 11.27
CA GLY B 111 -10.97 12.91 11.68
C GLY B 111 -9.73 13.17 10.84
N HIS B 112 -8.91 12.14 10.62
CA HIS B 112 -7.70 12.36 9.81
C HIS B 112 -8.11 12.79 8.40
N GLY B 113 -9.20 12.19 7.92
CA GLY B 113 -9.70 12.48 6.58
C GLY B 113 -10.29 13.87 6.42
N THR B 114 -10.94 14.37 7.49
CA THR B 114 -11.48 15.73 7.47
C THR B 114 -10.36 16.75 7.45
N ILE B 115 -9.30 16.46 8.19
CA ILE B 115 -8.14 17.33 8.19
C ILE B 115 -7.49 17.33 6.80
N GLY B 116 -7.39 16.14 6.20
CA GLY B 116 -6.87 16.03 4.85
C GLY B 116 -7.73 16.75 3.84
N LEU B 117 -9.05 16.58 3.97
CA LEU B 117 -9.97 17.26 3.06
C LEU B 117 -9.78 18.79 3.11
N VAL B 118 -9.74 19.35 4.31
CA VAL B 118 -9.63 20.80 4.45
C VAL B 118 -8.29 21.33 3.95
N ARG B 119 -7.21 20.63 4.26
CA ARG B 119 -5.90 21.03 3.76
C ARG B 119 -5.83 20.92 2.23
N SER B 120 -6.55 19.95 1.66
CA SER B 120 -6.58 19.76 0.22
C SER B 120 -7.39 20.85 -0.48
N LEU B 121 -8.50 21.24 0.13
CA LEU B 121 -9.31 22.33 -0.40
C LEU B 121 -8.52 23.62 -0.44
N TYR B 122 -7.67 23.82 0.57
CA TYR B 122 -6.79 24.98 0.60
C TYR B 122 -5.74 24.92 -0.51
N HIS B 123 -5.18 23.73 -0.72
CA HIS B 123 -4.22 23.48 -1.78
C HIS B 123 -4.79 23.81 -3.15
N LEU B 124 -6.08 23.51 -3.33
CA LEU B 124 -6.76 23.73 -4.59
C LEU B 124 -7.22 25.18 -4.74
N GLY B 125 -7.04 25.96 -3.69
CA GLY B 125 -7.42 27.37 -3.71
C GLY B 125 -8.90 27.61 -3.54
N ARG B 126 -9.62 26.59 -3.05
CA ARG B 126 -11.09 26.67 -2.95
C ARG B 126 -11.58 27.26 -1.63
N ILE B 127 -10.71 27.26 -0.62
CA ILE B 127 -11.03 27.91 0.65
C ILE B 127 -9.78 28.61 1.17
N ASP B 128 -9.98 29.54 2.08
CA ASP B 128 -8.87 30.18 2.75
C ASP B 128 -8.95 29.82 4.22
N GLN B 129 -8.00 30.33 5.01
CA GLN B 129 -8.03 30.15 6.46
C GLN B 129 -9.38 30.62 7.01
N GLY B 130 -9.84 29.95 8.04
CA GLY B 130 -11.10 30.32 8.66
C GLY B 130 -11.93 29.13 9.06
N VAL B 131 -13.19 29.39 9.41
CA VAL B 131 -14.07 28.36 9.91
C VAL B 131 -14.96 27.79 8.81
N HIS B 132 -14.95 26.46 8.67
CA HIS B 132 -15.72 25.80 7.60
C HIS B 132 -16.58 24.68 8.14
N ARG B 133 -17.83 24.60 7.65
CA ARG B 133 -18.70 23.50 8.03
C ARG B 133 -18.68 22.42 6.97
N ILE B 134 -18.56 21.16 7.41
CA ILE B 134 -18.44 20.04 6.50
C ILE B 134 -19.54 19.03 6.78
N GLU B 135 -20.36 18.72 5.78
CA GLU B 135 -21.42 17.72 5.94
C GLU B 135 -20.86 16.30 5.79
N THR B 136 -21.29 15.40 6.67
CA THR B 136 -20.86 14.00 6.60
C THR B 136 -22.08 13.11 6.83
N PRO B 137 -21.94 11.81 6.58
CA PRO B 137 -23.09 10.91 6.80
C PRO B 137 -23.55 10.80 8.25
N VAL B 138 -22.77 11.32 9.21
CA VAL B 138 -23.20 11.25 10.61
C VAL B 138 -23.43 12.62 11.22
N GLY B 139 -23.54 13.65 10.37
CA GLY B 139 -23.74 15.00 10.89
C GLY B 139 -22.74 16.01 10.37
N THR B 140 -23.05 17.28 10.57
CA THR B 140 -22.13 18.34 10.15
C THR B 140 -21.04 18.60 11.20
N VAL B 141 -19.80 18.71 10.77
CA VAL B 141 -18.68 19.05 11.64
C VAL B 141 -18.15 20.44 11.28
N GLU B 142 -17.43 21.06 12.21
CA GLU B 142 -16.87 22.38 11.95
C GLU B 142 -15.33 22.28 11.97
N ALA B 143 -14.70 22.78 10.91
CA ALA B 143 -13.25 22.69 10.80
C ALA B 143 -12.68 24.08 10.72
N THR B 144 -11.62 24.32 11.48
CA THR B 144 -10.96 25.61 11.43
C THR B 144 -9.59 25.43 10.83
N LEU B 145 -9.35 26.07 9.70
CA LEU B 145 -8.01 26.05 9.10
C LEU B 145 -7.25 27.20 9.71
N HIS B 146 -6.16 26.88 10.41
CA HIS B 146 -5.42 27.91 11.16
C HIS B 146 -4.33 28.54 10.30
N GLU B 147 -3.74 29.62 10.79
CA GLU B 147 -2.67 30.30 10.06
C GLU B 147 -1.49 29.38 9.76
N ASP B 148 -1.22 28.43 10.65
CA ASP B 148 -0.12 27.49 10.46
C ASP B 148 -0.52 26.31 9.59
N LEU B 149 -1.74 26.38 9.05
CA LEU B 149 -2.31 25.35 8.17
C LEU B 149 -2.67 24.02 8.85
N SER B 150 -2.57 23.98 10.18
CA SER B 150 -3.16 22.87 10.92
C SER B 150 -4.67 23.04 10.92
N VAL B 151 -5.38 21.99 11.30
CA VAL B 151 -6.85 22.02 11.26
C VAL B 151 -7.43 21.51 12.57
N SER B 152 -8.32 22.31 13.16
CA SER B 152 -9.10 21.88 14.31
C SER B 152 -10.45 21.37 13.82
N VAL B 153 -10.83 20.17 14.26
CA VAL B 153 -12.11 19.63 13.87
C VAL B 153 -13.03 19.50 15.08
N ARG B 154 -14.10 20.28 15.09
CA ARG B 154 -15.13 20.12 16.08
C ARG B 154 -16.05 19.01 15.61
N ASN B 155 -15.91 17.84 16.22
CA ASN B 155 -16.54 16.61 15.75
C ASN B 155 -17.98 16.49 16.23
N VAL B 156 -18.68 15.48 15.74
CA VAL B 156 -20.01 15.13 16.22
C VAL B 156 -19.92 14.70 17.68
N PRO B 157 -21.03 14.73 18.41
CA PRO B 157 -20.92 14.39 19.83
C PRO B 157 -20.44 12.96 20.05
N ALA B 158 -19.68 12.75 21.12
CA ALA B 158 -19.13 11.44 21.44
C ALA B 158 -19.67 10.96 22.78
N TYR B 159 -19.74 9.66 23.00
CA TYR B 159 -20.25 9.16 24.28
C TYR B 159 -19.83 7.72 24.54
N ARG B 160 -19.80 7.33 25.80
CA ARG B 160 -19.49 5.94 26.12
C ARG B 160 -20.80 5.19 26.30
N TYR B 161 -20.86 4.00 25.69
CA TYR B 161 -22.06 3.18 25.70
C TYR B 161 -22.03 2.16 26.84
N ARG B 162 -20.93 1.42 26.94
CA ARG B 162 -20.75 0.44 27.99
C ARG B 162 -19.34 0.55 28.52
N THR B 163 -19.14 0.20 29.80
CA THR B 163 -17.81 0.32 30.36
C THR B 163 -17.31 -0.98 30.98
N GLN B 164 -15.99 -1.18 30.86
CA GLN B 164 -15.29 -2.36 31.36
C GLN B 164 -16.01 -3.66 31.05
N VAL B 165 -16.25 -3.85 29.76
CA VAL B 165 -16.85 -5.06 29.24
C VAL B 165 -15.77 -6.14 29.22
N MET B 166 -16.01 -7.23 29.95
CA MET B 166 -15.02 -8.30 30.03
C MET B 166 -15.00 -9.14 28.76
N LEU B 167 -13.79 -9.45 28.30
CA LEU B 167 -13.60 -10.20 27.07
C LEU B 167 -12.54 -11.29 27.28
N GLN B 168 -12.89 -12.52 26.92
CA GLN B 168 -11.96 -13.64 27.01
C GLN B 168 -11.17 -13.79 25.72
N LEU B 169 -9.84 -13.74 25.81
CA LEU B 169 -8.99 -13.89 24.62
C LEU B 169 -8.19 -15.17 24.66
N PRO B 170 -8.66 -16.21 23.96
CA PRO B 170 -7.93 -17.48 23.88
C PRO B 170 -6.51 -17.25 23.38
N GLY B 171 -5.53 -17.73 24.13
CA GLY B 171 -4.14 -17.54 23.75
C GLY B 171 -3.52 -16.25 24.25
N HIS B 172 -4.32 -15.41 24.90
CA HIS B 172 -3.82 -14.12 25.38
C HIS B 172 -4.14 -13.88 26.86
N GLY B 173 -5.37 -14.19 27.26
CA GLY B 173 -5.83 -13.92 28.61
C GLY B 173 -7.20 -13.27 28.54
N LYS B 174 -7.62 -12.57 29.59
CA LYS B 174 -8.87 -11.83 29.51
C LYS B 174 -8.60 -10.33 29.64
N VAL B 175 -9.45 -9.53 28.99
CA VAL B 175 -9.27 -8.08 28.99
C VAL B 175 -10.58 -7.37 29.27
N HIS B 176 -10.50 -6.07 29.50
CA HIS B 176 -11.69 -5.25 29.68
C HIS B 176 -11.61 -4.06 28.75
N GLY B 177 -12.73 -3.68 28.15
CA GLY B 177 -12.75 -2.56 27.25
C GLY B 177 -14.02 -1.72 27.37
N ASP B 178 -13.95 -0.48 26.90
CA ASP B 178 -15.13 0.38 26.82
C ASP B 178 -15.68 0.33 25.40
N ILE B 179 -16.99 0.50 25.27
CA ILE B 179 -17.60 0.63 23.96
C ILE B 179 -18.03 2.09 23.86
N ALA B 180 -17.49 2.80 22.88
CA ALA B 180 -17.80 4.22 22.73
C ALA B 180 -17.89 4.68 21.28
N TRP B 181 -18.69 5.72 21.07
CA TRP B 181 -18.94 6.29 19.75
C TRP B 181 -18.19 7.59 19.63
N GLY B 182 -17.37 7.73 18.58
CA GLY B 182 -16.69 8.98 18.33
C GLY B 182 -16.84 9.41 16.90
N GLY B 183 -17.92 8.97 16.24
CA GLY B 183 -18.04 9.17 14.80
C GLY B 183 -17.92 7.85 14.06
N ASN B 184 -17.39 6.85 14.75
CA ASN B 184 -17.46 5.44 14.39
C ASN B 184 -17.52 4.71 15.72
N TRP B 185 -17.79 3.39 15.69
CA TRP B 185 -17.86 2.61 16.93
C TRP B 185 -16.52 1.99 17.29
N PHE B 186 -16.11 2.16 18.54
CA PHE B 186 -14.80 1.67 19.00
C PHE B 186 -14.91 0.77 20.23
N PHE B 187 -13.98 -0.16 20.35
CA PHE B 187 -13.73 -0.88 21.58
C PHE B 187 -12.35 -0.46 22.04
N LEU B 188 -12.26 0.10 23.25
CA LEU B 188 -11.03 0.71 23.75
C LEU B 188 -10.46 -0.12 24.91
N ILE B 189 -9.22 -0.57 24.77
CA ILE B 189 -8.58 -1.42 25.78
C ILE B 189 -7.27 -0.83 26.31
N SER B 190 -7.12 -0.82 27.64
CA SER B 190 -5.85 -0.45 28.28
C SER B 190 -5.06 -1.65 28.83
N ASP B 191 -5.75 -2.70 29.28
CA ASP B 191 -5.11 -3.83 29.97
C ASP B 191 -4.77 -5.00 29.04
N HIS B 192 -4.25 -4.67 27.87
CA HIS B 192 -3.96 -5.66 26.83
C HIS B 192 -2.58 -6.28 26.99
N GLY B 193 -1.66 -5.55 27.61
CA GLY B 193 -0.32 -6.05 27.84
C GLY B 193 0.54 -6.15 26.59
N GLN B 194 0.17 -5.41 25.55
CA GLN B 194 0.94 -5.43 24.30
C GLN B 194 1.88 -4.23 24.21
N ARG B 195 2.97 -4.40 23.47
CA ARG B 195 3.92 -3.30 23.28
C ARG B 195 3.52 -2.49 22.06
N ILE B 196 3.19 -1.21 22.27
CA ILE B 196 2.75 -0.38 21.15
C ILE B 196 3.92 0.36 20.49
N ALA B 197 4.32 -0.13 19.31
CA ALA B 197 5.38 0.48 18.52
C ALA B 197 5.28 -0.01 17.08
N LEU B 198 5.81 0.79 16.16
CA LEU B 198 5.71 0.50 14.74
C LEU B 198 6.34 -0.86 14.41
N ASP B 199 7.41 -1.22 15.12
CA ASP B 199 8.07 -2.49 14.83
C ASP B 199 7.31 -3.72 15.29
N ASN B 200 6.14 -3.50 15.92
CA ASN B 200 5.33 -4.58 16.45
C ASN B 200 3.92 -4.64 15.87
N VAL B 201 3.69 -3.93 14.76
CA VAL B 201 2.34 -3.85 14.19
C VAL B 201 1.82 -5.22 13.74
N GLU B 202 2.71 -6.15 13.43
CA GLU B 202 2.25 -7.48 13.03
C GLU B 202 1.53 -8.19 14.18
N ALA B 203 2.14 -8.18 15.37
CA ALA B 203 1.52 -8.78 16.53
C ALA B 203 0.28 -8.00 16.97
N LEU B 204 0.36 -6.67 16.88
CA LEU B 204 -0.76 -5.82 17.30
C LEU B 204 -1.97 -6.03 16.39
N THR B 205 -1.71 -6.25 15.11
CA THR B 205 -2.78 -6.52 14.15
C THR B 205 -3.44 -7.85 14.48
N HIS B 206 -2.64 -8.87 14.76
CA HIS B 206 -3.19 -10.17 15.13
C HIS B 206 -3.96 -10.09 16.45
N TYR B 207 -3.43 -9.34 17.41
CA TYR B 207 -4.08 -9.20 18.70
C TYR B 207 -5.44 -8.53 18.56
N THR B 208 -5.48 -7.40 17.86
CA THR B 208 -6.74 -6.68 17.70
C THR B 208 -7.73 -7.45 16.82
N ARG B 209 -7.22 -8.24 15.88
CA ARG B 209 -8.09 -9.11 15.09
C ARG B 209 -8.73 -10.15 16.00
N ASP B 210 -7.97 -10.65 16.98
CA ASP B 210 -8.51 -11.63 17.92
C ASP B 210 -9.59 -10.98 18.80
N VAL B 211 -9.37 -9.71 19.14
CA VAL B 211 -10.33 -8.98 19.95
C VAL B 211 -11.65 -8.83 19.22
N ARG B 212 -11.60 -8.44 17.95
CA ARG B 212 -12.83 -8.29 17.18
C ARG B 212 -13.56 -9.62 17.01
N GLN B 213 -12.81 -10.68 16.78
CA GLN B 213 -13.37 -12.03 16.70
C GLN B 213 -14.11 -12.38 18.00
N ALA B 214 -13.51 -12.01 19.12
CA ALA B 214 -14.10 -12.29 20.43
C ALA B 214 -15.39 -11.50 20.68
N LEU B 215 -15.39 -10.24 20.24
CA LEU B 215 -16.60 -9.41 20.34
C LEU B 215 -17.73 -10.02 19.53
N GLU B 216 -17.44 -10.41 18.29
CA GLU B 216 -18.46 -11.02 17.43
C GLU B 216 -19.00 -12.31 18.01
N ALA B 217 -18.11 -13.14 18.54
CA ALA B 217 -18.49 -14.39 19.18
C ALA B 217 -19.51 -14.18 20.30
N ALA B 218 -19.30 -13.13 21.09
CA ALA B 218 -20.14 -12.88 22.26
C ALA B 218 -21.35 -12.02 21.93
N GLY B 219 -21.48 -11.62 20.67
CA GLY B 219 -22.60 -10.79 20.23
C GLY B 219 -22.57 -9.37 20.78
N ILE B 220 -21.37 -8.89 21.08
CA ILE B 220 -21.21 -7.57 21.67
C ILE B 220 -21.24 -6.46 20.61
N THR B 221 -22.12 -5.49 20.80
CA THR B 221 -22.29 -4.40 19.84
C THR B 221 -22.27 -3.04 20.52
N GLY B 222 -22.40 -1.99 19.71
CA GLY B 222 -22.66 -0.66 20.21
C GLY B 222 -24.17 -0.49 20.34
N ALA B 223 -24.63 0.77 20.42
CA ALA B 223 -26.05 1.07 20.55
C ALA B 223 -26.77 0.62 19.30
N GLU B 224 -28.00 0.15 19.46
CA GLU B 224 -28.83 -0.32 18.34
C GLU B 224 -28.08 -1.33 17.47
N GLY B 225 -27.36 -2.25 18.09
CA GLY B 225 -26.64 -3.28 17.37
C GLY B 225 -25.55 -2.78 16.45
N GLY B 226 -25.02 -1.59 16.75
CA GLY B 226 -23.98 -1.02 15.92
C GLY B 226 -22.75 -1.91 15.94
N VAL B 227 -22.29 -2.29 14.76
CA VAL B 227 -21.10 -3.11 14.65
C VAL B 227 -19.85 -2.38 15.13
N ILE B 228 -19.15 -2.98 16.08
CA ILE B 228 -17.92 -2.39 16.59
C ILE B 228 -16.81 -2.77 15.66
N ASP B 229 -16.46 -1.86 14.75
CA ASP B 229 -15.57 -2.24 13.66
C ASP B 229 -14.18 -1.61 13.75
N HIS B 230 -13.94 -0.85 14.82
CA HIS B 230 -12.61 -0.32 15.13
C HIS B 230 -12.20 -0.80 16.53
N ILE B 231 -10.97 -1.28 16.66
CA ILE B 231 -10.45 -1.71 17.96
C ILE B 231 -9.26 -0.83 18.29
N GLU B 232 -9.22 -0.22 19.48
CA GLU B 232 -8.03 0.55 19.84
C GLU B 232 -7.41 0.18 21.18
N LEU B 233 -6.09 0.05 21.16
CA LEU B 233 -5.31 -0.23 22.36
C LEU B 233 -4.62 1.05 22.75
N PHE B 234 -4.52 1.32 24.05
CA PHE B 234 -3.87 2.53 24.54
C PHE B 234 -2.71 2.15 25.47
N ALA B 235 -1.67 2.97 25.49
CA ALA B 235 -0.56 2.77 26.44
C ALA B 235 0.08 4.09 26.82
N ASP B 236 0.85 4.09 27.90
CA ASP B 236 1.57 5.30 28.29
C ASP B 236 2.64 5.65 27.25
N ASP B 237 3.04 6.91 27.23
CA ASP B 237 4.05 7.38 26.28
C ASP B 237 4.91 8.44 26.96
N PRO B 238 6.23 8.32 26.81
CA PRO B 238 7.09 9.31 27.47
C PRO B 238 6.91 10.75 26.96
N GLN B 239 6.36 10.94 25.77
CA GLN B 239 6.18 12.30 25.21
C GLN B 239 4.75 12.70 24.85
N ALA B 240 3.78 11.92 25.32
CA ALA B 240 2.39 12.25 25.08
C ALA B 240 1.59 11.72 26.26
N ASP B 241 0.29 12.02 26.32
CA ASP B 241 -0.53 11.46 27.39
C ASP B 241 -0.72 9.97 27.18
N SER B 242 -0.70 9.57 25.91
CA SER B 242 -0.96 8.19 25.55
C SER B 242 -0.45 7.91 24.15
N ARG B 243 -0.24 6.64 23.85
CA ARG B 243 0.05 6.17 22.49
C ARG B 243 -1.00 5.11 22.17
N ASN B 244 -1.52 5.08 20.94
CA ASN B 244 -2.49 4.04 20.59
C ASN B 244 -2.13 3.21 19.38
N PHE B 245 -2.81 2.08 19.25
CA PHE B 245 -2.80 1.29 18.02
C PHE B 245 -4.25 1.06 17.67
N VAL B 246 -4.63 1.36 16.43
CA VAL B 246 -6.04 1.26 16.03
C VAL B 246 -6.18 0.35 14.83
N LEU B 247 -7.00 -0.68 14.98
CA LEU B 247 -7.34 -1.58 13.88
C LEU B 247 -8.62 -1.07 13.22
N CYS B 248 -8.53 -0.74 11.94
CA CYS B 248 -9.65 -0.20 11.17
C CYS B 248 -10.50 -1.32 10.60
N PRO B 249 -11.70 -1.00 10.08
CA PRO B 249 -12.63 -2.07 9.69
C PRO B 249 -12.10 -3.09 8.69
N GLY B 250 -11.21 -2.69 7.78
CA GLY B 250 -10.68 -3.59 6.78
C GLY B 250 -9.38 -4.24 7.20
N LYS B 251 -9.08 -4.17 8.49
CA LYS B 251 -7.92 -4.81 9.12
C LYS B 251 -6.57 -4.12 8.85
N ALA B 252 -6.60 -2.92 8.27
CA ALA B 252 -5.40 -2.10 8.24
C ALA B 252 -5.36 -1.27 9.51
N TYR B 253 -4.17 -0.82 9.89
CA TYR B 253 -4.09 0.05 11.06
C TYR B 253 -4.08 1.51 10.65
N ASP B 254 -4.53 2.36 11.55
CA ASP B 254 -4.48 3.81 11.37
C ASP B 254 -3.07 4.28 11.67
N ARG B 255 -2.42 4.92 10.71
CA ARG B 255 -1.11 5.51 10.95
C ARG B 255 -1.20 6.74 11.86
N SER B 256 -2.36 7.38 11.89
CA SER B 256 -2.57 8.58 12.71
C SER B 256 -3.06 8.24 14.12
N PRO B 257 -3.13 9.25 15.02
CA PRO B 257 -3.69 8.98 16.36
C PRO B 257 -5.19 8.68 16.33
N CYS B 258 -5.81 8.82 15.15
CA CYS B 258 -7.20 8.45 14.89
C CYS B 258 -8.15 9.46 15.51
N GLY B 259 -8.74 10.30 14.66
CA GLY B 259 -9.57 11.38 15.17
C GLY B 259 -10.83 10.88 15.86
N THR B 260 -11.53 9.97 15.23
CA THR B 260 -12.76 9.46 15.82
C THR B 260 -12.44 8.55 17.01
N GLY B 261 -11.33 7.83 16.94
CA GLY B 261 -10.94 6.99 18.06
C GLY B 261 -10.51 7.77 19.29
N THR B 262 -9.83 8.88 19.04
CA THR B 262 -9.43 9.78 20.12
C THR B 262 -10.68 10.49 20.67
N SER B 263 -11.65 10.80 19.79
CA SER B 263 -12.93 11.36 20.26
C SER B 263 -13.61 10.43 21.23
N ALA B 264 -13.69 9.16 20.87
CA ALA B 264 -14.26 8.16 21.76
C ALA B 264 -13.46 8.06 23.06
N LYS B 265 -12.14 8.19 22.97
CA LYS B 265 -11.30 8.14 24.15
C LYS B 265 -11.63 9.27 25.11
N LEU B 266 -11.84 10.49 24.57
CA LEU B 266 -12.15 11.63 25.43
C LEU B 266 -13.43 11.36 26.20
N ALA B 267 -14.41 10.76 25.53
CA ALA B 267 -15.69 10.46 26.17
C ALA B 267 -15.50 9.51 27.36
N CYS B 268 -14.60 8.55 27.21
CA CYS B 268 -14.37 7.55 28.26
C CYS B 268 -13.62 8.18 29.43
N LEU B 269 -12.58 8.94 29.12
CA LEU B 269 -11.84 9.69 30.14
C LEU B 269 -12.75 10.60 30.93
N ALA B 270 -13.64 11.32 30.23
CA ALA B 270 -14.58 12.23 30.90
C ALA B 270 -15.49 11.48 31.86
N ALA B 271 -16.03 10.37 31.38
CA ALA B 271 -16.97 9.58 32.16
C ALA B 271 -16.30 8.98 33.40
N ASP B 272 -15.02 8.69 33.29
CA ASP B 272 -14.27 8.10 34.39
C ASP B 272 -13.72 9.15 35.38
N GLY B 273 -13.99 10.42 35.10
CA GLY B 273 -13.54 11.50 35.96
C GLY B 273 -12.07 11.87 35.79
N LYS B 274 -11.53 11.61 34.61
CA LYS B 274 -10.09 11.78 34.37
C LYS B 274 -9.72 12.89 33.38
N LEU B 275 -10.71 13.54 32.80
CA LEU B 275 -10.45 14.69 31.94
C LEU B 275 -11.68 15.60 31.98
N ALA B 276 -11.43 16.87 32.25
CA ALA B 276 -12.50 17.85 32.36
C ALA B 276 -12.60 18.66 31.06
N PRO B 277 -13.72 19.37 30.87
CA PRO B 277 -13.86 20.19 29.67
C PRO B 277 -12.72 21.17 29.51
N GLY B 278 -12.25 21.33 28.27
CA GLY B 278 -11.22 22.29 27.94
C GLY B 278 -9.80 21.87 28.23
N GLN B 279 -9.63 20.73 28.92
CA GLN B 279 -8.30 20.25 29.23
C GLN B 279 -7.67 19.52 28.05
N ALA B 280 -6.38 19.78 27.84
CA ALA B 280 -5.65 19.24 26.69
C ALA B 280 -5.32 17.75 26.88
N TRP B 281 -5.38 17.00 25.79
CA TRP B 281 -5.02 15.59 25.80
C TRP B 281 -4.19 15.35 24.54
N ARG B 282 -2.94 14.93 24.74
CA ARG B 282 -2.05 14.70 23.61
C ARG B 282 -1.96 13.22 23.30
N GLN B 283 -2.43 12.83 22.11
CA GLN B 283 -2.51 11.44 21.70
C GLN B 283 -1.46 11.15 20.64
N ALA B 284 -0.56 10.20 20.92
CA ALA B 284 0.40 9.76 19.89
C ALA B 284 -0.10 8.50 19.19
N SER B 285 0.29 8.33 17.94
CA SER B 285 -0.09 7.17 17.14
C SER B 285 1.00 6.12 17.23
N VAL B 286 0.74 4.97 16.62
CA VAL B 286 1.70 3.87 16.65
C VAL B 286 3.00 4.25 15.95
N ILE B 287 2.94 5.18 14.99
CA ILE B 287 4.15 5.63 14.30
C ILE B 287 4.76 6.92 14.87
N GLY B 288 4.14 7.48 15.91
CA GLY B 288 4.73 8.62 16.60
C GLY B 288 4.17 9.97 16.21
N SER B 289 3.25 10.02 15.25
CA SER B 289 2.59 11.28 14.93
C SER B 289 1.65 11.66 16.08
N GLN B 290 1.26 12.93 16.19
CA GLN B 290 0.43 13.35 17.32
C GLN B 290 -0.74 14.26 16.97
N PHE B 291 -1.84 14.09 17.69
CA PHE B 291 -2.96 15.02 17.68
C PHE B 291 -3.05 15.64 19.08
N SER B 292 -3.46 16.89 19.16
CA SER B 292 -3.91 17.41 20.46
C SER B 292 -5.43 17.50 20.41
N ALA B 293 -6.06 17.26 21.56
CA ALA B 293 -7.52 17.25 21.60
C ALA B 293 -8.01 17.74 22.94
N HIS B 294 -9.24 18.23 22.94
CA HIS B 294 -9.97 18.52 24.17
C HIS B 294 -11.46 18.43 23.85
N TYR B 295 -12.30 18.50 24.88
CA TYR B 295 -13.74 18.48 24.64
C TYR B 295 -14.45 19.65 25.27
N GLU B 296 -15.61 19.99 24.73
CA GLU B 296 -16.44 21.01 25.34
C GLU B 296 -17.78 20.38 25.66
N LYS B 297 -18.51 20.96 26.61
CA LYS B 297 -19.83 20.46 26.95
C LYS B 297 -20.90 21.43 26.47
N VAL B 298 -21.89 20.89 25.77
CA VAL B 298 -23.07 21.65 25.37
C VAL B 298 -24.28 20.83 25.79
N GLY B 299 -24.84 21.16 26.95
CA GLY B 299 -25.92 20.36 27.48
C GLY B 299 -25.37 19.06 28.01
N GLU B 300 -26.05 17.96 27.73
CA GLU B 300 -25.56 16.64 28.12
C GLU B 300 -24.44 16.24 27.17
N GLN B 301 -24.31 16.98 26.08
CA GLN B 301 -23.45 16.57 24.98
C GLN B 301 -21.97 16.87 25.17
N LEU B 302 -21.15 15.89 24.82
CA LEU B 302 -19.70 16.07 24.86
C LEU B 302 -19.19 16.26 23.44
N ILE B 303 -18.50 17.36 23.20
CA ILE B 303 -18.07 17.71 21.85
C ILE B 303 -16.56 17.59 21.76
N PRO B 304 -16.08 16.60 20.99
CA PRO B 304 -14.64 16.44 20.83
C PRO B 304 -14.09 17.42 19.80
N ILE B 305 -12.93 17.99 20.13
CA ILE B 305 -12.24 18.90 19.23
C ILE B 305 -10.79 18.44 19.04
N LEU B 306 -10.47 18.07 17.80
CA LEU B 306 -9.18 17.49 17.45
C LEU B 306 -8.40 18.49 16.63
N ARG B 307 -7.09 18.55 16.84
CA ARG B 307 -6.26 19.42 16.03
C ARG B 307 -5.05 18.65 15.52
N GLY B 308 -4.80 18.74 14.22
CA GLY B 308 -3.65 18.05 13.64
C GLY B 308 -3.36 18.66 12.29
N SER B 309 -2.29 18.20 11.64
CA SER B 309 -1.92 18.73 10.34
C SER B 309 -1.89 17.65 9.28
N ALA B 310 -2.29 18.00 8.06
CA ALA B 310 -2.11 17.14 6.91
C ALA B 310 -1.08 17.76 5.99
N HIS B 311 -0.49 16.95 5.12
CA HIS B 311 0.43 17.43 4.10
C HIS B 311 0.04 16.82 2.79
N ILE B 312 0.14 17.59 1.71
CA ILE B 312 -0.21 17.07 0.39
C ILE B 312 0.85 16.05 -0.05
N SER B 313 0.39 14.91 -0.58
CA SER B 313 1.26 13.84 -1.07
C SER B 313 1.41 13.88 -2.58
N ALA B 314 0.30 14.02 -3.28
CA ALA B 314 0.34 13.99 -4.73
C ALA B 314 -0.90 14.59 -5.36
N GLU B 315 -0.74 15.12 -6.57
CA GLU B 315 -1.87 15.42 -7.45
C GLU B 315 -1.92 14.30 -8.47
N ALA B 316 -3.03 13.57 -8.54
CA ALA B 316 -3.08 12.42 -9.45
C ALA B 316 -4.37 12.32 -10.24
N THR B 317 -4.27 11.74 -11.44
CA THR B 317 -5.44 11.35 -12.18
C THR B 317 -5.41 9.84 -12.33
N LEU B 318 -6.29 9.13 -11.62
CA LEU B 318 -6.39 7.69 -11.80
C LEU B 318 -7.02 7.41 -13.17
N LEU B 319 -6.49 6.42 -13.87
CA LEU B 319 -6.99 6.07 -15.20
C LEU B 319 -7.56 4.65 -15.17
N LEU B 320 -8.82 4.51 -15.60
CA LEU B 320 -9.49 3.21 -15.54
C LEU B 320 -9.63 2.65 -16.95
N ASP B 321 -8.70 1.78 -17.32
CA ASP B 321 -8.64 1.13 -18.62
C ASP B 321 -9.63 -0.05 -18.68
N ASP B 322 -10.53 -0.05 -19.65
CA ASP B 322 -11.54 -1.11 -19.70
C ASP B 322 -10.96 -2.48 -20.09
N SER B 323 -9.73 -2.48 -20.60
CA SER B 323 -9.04 -3.73 -20.93
C SER B 323 -8.23 -4.31 -19.76
N ASP B 324 -8.20 -3.56 -18.65
CA ASP B 324 -7.47 -3.96 -17.45
C ASP B 324 -8.35 -4.94 -16.67
N PRO B 325 -7.86 -6.17 -16.45
CA PRO B 325 -8.66 -7.15 -15.70
C PRO B 325 -8.89 -6.74 -14.24
N PHE B 326 -8.04 -5.86 -13.71
CA PHE B 326 -8.19 -5.38 -12.35
C PHE B 326 -8.68 -3.92 -12.32
N VAL B 327 -9.39 -3.50 -13.36
CA VAL B 327 -9.87 -2.13 -13.42
C VAL B 327 -10.72 -1.76 -12.20
N TRP B 328 -11.48 -2.72 -11.68
CA TRP B 328 -12.30 -2.47 -10.48
C TRP B 328 -11.66 -3.00 -9.19
N GLY B 329 -10.35 -3.23 -9.24
CA GLY B 329 -9.61 -3.65 -8.06
C GLY B 329 -9.39 -5.14 -7.90
N ILE B 330 -8.33 -5.46 -7.18
CA ILE B 330 -7.93 -6.83 -6.87
C ILE B 330 -8.55 -7.24 -5.54
N GLY B 331 -8.86 -8.52 -5.40
CA GLY B 331 -9.16 -9.07 -4.10
C GLY B 331 -10.59 -9.50 -3.98
N SER B 332 -10.92 -10.14 -2.87
CA SER B 332 -12.26 -10.64 -2.63
C SER B 332 -13.22 -9.47 -2.38
N HYP C . 8.83 -8.05 -9.83
CA HYP C . 10.15 -8.22 -10.43
C HYP C . 10.06 -8.91 -11.75
O HYP C . 8.96 -9.00 -12.36
CB HYP C . 11.00 -8.87 -9.40
CG HYP C . 10.36 -8.48 -8.14
CD HYP C . 9.24 -7.55 -8.49
OD1 HYP C . 11.25 -7.89 -7.21
OXT HYP C . 11.11 -9.34 -12.29
NA NA D . -1.53 -27.15 -15.17
N HYP E . -8.86 7.27 10.44
CA HYP E . -10.20 7.62 10.92
C HYP E . -10.14 8.77 11.87
O HYP E . -9.09 9.46 11.97
CB HYP E . -10.80 6.39 11.48
CG HYP E . -10.08 5.31 10.80
CD HYP E . -9.10 5.92 9.83
OD1 HYP E . -10.94 4.43 10.11
OXT HYP E . -11.16 9.10 12.55
NA NA F . 3.19 10.45 29.16
#